data_6FQP
#
_entry.id   6FQP
#
_cell.length_a   50.851
_cell.length_b   67.248
_cell.length_c   102.315
_cell.angle_alpha   90.000
_cell.angle_beta   90.000
_cell.angle_gamma   90.000
#
_symmetry.space_group_name_H-M   'P 21 21 21'
#
loop_
_entity.id
_entity.type
_entity.pdbx_description
1 polymer "DNA (5'-D(P*AP*TP*TP*GP*AP*CP*AP*GP*CP*TP*GP*TP*CP*AP*AP*T)-3')"
2 polymer 'Homeobox protein TGIF1'
3 non-polymer 'CALCIUM ION'
4 water water
#
loop_
_entity_poly.entity_id
_entity_poly.type
_entity_poly.pdbx_seq_one_letter_code
_entity_poly.pdbx_strand_id
1 'polydeoxyribonucleotide' (DA)(DT)(DT)(DG)(DA)(DC)(DA)(DG)(DC)(DT)(DG)(DT)(DC)(DA)(DA)(DT) L,M
2 'polypeptide(L)'
;GPMDIPLDLSSSAGSGKRRRRGNLPKESVQILRDWLYEHRYNAYPSEQEKALLSQQTHLSTLQVCNWFINARRRLLPDML
RKDGKDPNQFTISRRGAKISE
;
A,B
#
loop_
_chem_comp.id
_chem_comp.type
_chem_comp.name
_chem_comp.formula
CA non-polymer 'CALCIUM ION' 'Ca 2'
DA DNA linking 2'-DEOXYADENOSINE-5'-MONOPHOSPHATE 'C10 H14 N5 O6 P'
DC DNA linking 2'-DEOXYCYTIDINE-5'-MONOPHOSPHATE 'C9 H14 N3 O7 P'
DG DNA linking 2'-DEOXYGUANOSINE-5'-MONOPHOSPHATE 'C10 H14 N5 O7 P'
DT DNA linking THYMIDINE-5'-MONOPHOSPHATE 'C10 H15 N2 O8 P'
#
# COMPACT_ATOMS: atom_id res chain seq x y z
N ARG C 21 -16.19 15.87 0.80
CA ARG C 21 -15.23 15.03 0.08
C ARG C 21 -15.48 15.11 -1.43
N GLY C 22 -16.44 14.32 -1.92
CA GLY C 22 -16.76 14.29 -3.33
C GLY C 22 -16.28 13.00 -3.99
N ASN C 23 -16.74 12.81 -5.22
CA ASN C 23 -16.41 11.63 -6.00
C ASN C 23 -15.51 11.99 -7.18
N LEU C 24 -14.95 10.95 -7.81
CA LEU C 24 -14.01 11.17 -8.90
C LEU C 24 -14.73 11.66 -10.16
N PRO C 25 -14.06 12.48 -10.97
CA PRO C 25 -14.71 13.00 -12.17
C PRO C 25 -15.23 11.88 -13.04
N LYS C 26 -16.40 12.11 -13.63
CA LYS C 26 -17.08 11.06 -14.36
C LYS C 26 -16.30 10.66 -15.62
N GLU C 27 -15.64 11.60 -16.27
CA GLU C 27 -14.81 11.22 -17.42
C GLU C 27 -13.56 10.46 -16.96
N SER C 28 -12.97 10.85 -15.83
CA SER C 28 -11.85 10.08 -15.30
C SER C 28 -12.26 8.65 -15.06
N VAL C 29 -13.44 8.46 -14.46
CA VAL C 29 -13.88 7.12 -14.12
C VAL C 29 -14.31 6.39 -15.38
N GLN C 30 -14.74 7.12 -16.40
CA GLN C 30 -15.11 6.45 -17.63
C GLN C 30 -13.89 5.76 -18.23
N ILE C 31 -12.74 6.44 -18.20
CA ILE C 31 -11.51 5.90 -18.79
C ILE C 31 -11.08 4.66 -18.04
N LEU C 32 -11.00 4.75 -16.72
CA LEU C 32 -10.63 3.59 -15.92
C LEU C 32 -11.56 2.41 -16.20
N ARG C 33 -12.87 2.67 -16.26
CA ARG C 33 -13.82 1.59 -16.49
C ARG C 33 -13.60 0.95 -17.86
N ASP C 34 -13.42 1.77 -18.91
CA ASP C 34 -13.17 1.24 -20.24
C ASP C 34 -11.91 0.37 -20.25
N TRP C 35 -10.85 0.81 -19.57
CA TRP C 35 -9.61 0.04 -19.53
C TRP C 35 -9.83 -1.29 -18.82
N LEU C 36 -10.59 -1.27 -17.72
CA LEU C 36 -10.82 -2.50 -16.96
C LEU C 36 -11.60 -3.50 -17.79
N TYR C 37 -12.58 -3.05 -18.56
CA TYR C 37 -13.30 -4.00 -19.40
C TYR C 37 -12.36 -4.61 -20.44
N GLU C 38 -11.64 -3.77 -21.17
CA GLU C 38 -10.79 -4.27 -22.25
C GLU C 38 -9.75 -5.26 -21.72
N HIS C 39 -9.22 -5.05 -20.52
CA HIS C 39 -8.21 -5.93 -19.95
C HIS C 39 -8.76 -6.82 -18.84
N ARG C 40 -10.07 -7.09 -18.86
CA ARG C 40 -10.75 -7.80 -17.75
C ARG C 40 -10.17 -9.18 -17.45
N TYR C 41 -9.40 -9.78 -18.36
CA TYR C 41 -8.81 -11.09 -18.12
C TYR C 41 -7.38 -11.01 -17.59
N ASN C 42 -6.83 -9.81 -17.53
CA ASN C 42 -5.60 -9.57 -16.82
C ASN C 42 -5.70 -8.11 -16.35
N ALA C 43 -6.53 -7.92 -15.35
CA ALA C 43 -6.94 -6.58 -14.94
C ALA C 43 -5.90 -5.90 -14.08
N TYR C 44 -4.62 -5.99 -14.48
CA TYR C 44 -3.50 -5.46 -13.70
C TYR C 44 -2.63 -4.61 -14.59
N PRO C 45 -2.86 -3.31 -14.65
CA PRO C 45 -2.04 -2.48 -15.52
C PRO C 45 -0.61 -2.41 -15.02
N SER C 46 0.32 -2.45 -15.95
CA SER C 46 1.73 -2.24 -15.69
C SER C 46 1.99 -0.81 -15.22
N GLU C 47 3.20 -0.59 -14.67
CA GLU C 47 3.58 0.75 -14.22
C GLU C 47 3.35 1.78 -15.30
N GLN C 48 3.66 1.44 -16.54
CA GLN C 48 3.54 2.43 -17.61
C GLN C 48 2.11 2.66 -17.98
N GLU C 49 1.29 1.61 -17.89
CA GLU C 49 -0.12 1.80 -18.15
C GLU C 49 -0.74 2.63 -17.03
N LYS C 50 -0.46 2.28 -15.77
CA LYS C 50 -0.93 3.12 -14.68
C LYS C 50 -0.51 4.57 -14.88
N ALA C 51 0.68 4.78 -15.42
CA ALA C 51 1.15 6.15 -15.62
C ALA C 51 0.35 6.84 -16.70
N LEU C 52 0.03 6.11 -17.76
CA LEU C 52 -0.79 6.69 -18.82
C LEU C 52 -2.19 7.00 -18.31
N LEU C 53 -2.72 6.10 -17.50
CA LEU C 53 -4.04 6.29 -16.94
C LEU C 53 -4.07 7.50 -16.02
N SER C 54 -3.06 7.62 -15.16
CA SER C 54 -2.97 8.81 -14.30
C SER C 54 -3.03 10.06 -15.13
N GLN C 55 -2.20 10.13 -16.16
CA GLN C 55 -2.14 11.33 -16.97
C GLN C 55 -3.43 11.51 -17.73
N GLN C 56 -3.99 10.42 -18.25
CA GLN C 56 -5.23 10.57 -18.99
C GLN C 56 -6.35 11.01 -18.06
N THR C 57 -6.45 10.41 -16.87
CA THR C 57 -7.58 10.70 -15.99
C THR C 57 -7.38 11.94 -15.13
N HIS C 58 -6.20 12.58 -15.15
CA HIS C 58 -5.87 13.67 -14.24
C HIS C 58 -5.95 13.25 -12.77
N LEU C 59 -5.78 11.97 -12.48
CA LEU C 59 -5.71 11.48 -11.10
C LEU C 59 -4.27 11.14 -10.75
N SER C 60 -3.98 11.10 -9.45
CA SER C 60 -2.67 10.64 -9.00
C SER C 60 -2.53 9.13 -9.20
N THR C 61 -1.28 8.70 -9.21
CA THR C 61 -1.02 7.26 -9.25
C THR C 61 -1.74 6.55 -8.11
N LEU C 62 -1.69 7.11 -6.90
CA LEU C 62 -2.28 6.41 -5.77
C LEU C 62 -3.77 6.26 -6.00
N GLN C 63 -4.38 7.31 -6.54
CA GLN C 63 -5.81 7.27 -6.85
C GLN C 63 -6.11 6.18 -7.87
N VAL C 64 -5.29 6.10 -8.92
CA VAL C 64 -5.49 5.06 -9.92
C VAL C 64 -5.32 3.68 -9.28
N CYS C 65 -4.24 3.49 -8.51
CA CYS C 65 -4.09 2.22 -7.81
C CYS C 65 -5.31 1.91 -6.96
N ASN C 66 -5.73 2.85 -6.13
CA ASN C 66 -6.84 2.54 -5.25
C ASN C 66 -8.08 2.18 -6.06
N TRP C 67 -8.32 2.88 -7.15
CA TRP C 67 -9.51 2.55 -7.93
C TRP C 67 -9.44 1.11 -8.42
N PHE C 68 -8.24 0.64 -8.78
CA PHE C 68 -8.15 -0.71 -9.32
C PHE C 68 -8.28 -1.73 -8.23
N ILE C 69 -7.72 -1.45 -7.05
CA ILE C 69 -7.89 -2.37 -5.93
C ILE C 69 -9.37 -2.51 -5.57
N ASN C 70 -10.13 -1.39 -5.60
CA ASN C 70 -11.58 -1.46 -5.33
C ASN C 70 -12.34 -2.12 -6.47
N ALA C 71 -12.02 -1.75 -7.71
CA ALA C 71 -12.80 -2.19 -8.86
C ALA C 71 -12.58 -3.66 -9.17
N ARG C 72 -11.39 -4.19 -8.90
CA ARG C 72 -11.21 -5.63 -9.05
C ARG C 72 -12.13 -6.38 -8.10
N ARG C 73 -12.45 -5.78 -6.96
CA ARG C 73 -13.40 -6.41 -6.03
C ARG C 73 -14.86 -6.11 -6.38
N ARG C 74 -15.17 -4.90 -6.85
CA ARG C 74 -16.54 -4.41 -6.91
C ARG C 74 -17.16 -4.41 -8.30
N LEU C 75 -16.36 -4.32 -9.34
CA LEU C 75 -16.88 -4.28 -10.70
C LEU C 75 -16.50 -5.52 -11.50
N LEU C 76 -15.32 -6.04 -11.27
CA LEU C 76 -14.79 -7.03 -12.20
C LEU C 76 -15.62 -8.31 -12.24
N PRO C 77 -15.97 -8.96 -11.13
CA PRO C 77 -16.72 -10.21 -11.24
C PRO C 77 -18.00 -10.03 -12.06
N ASP C 78 -18.87 -9.10 -11.66
CA ASP C 78 -20.08 -8.84 -12.45
C ASP C 78 -19.76 -8.75 -13.94
N MET C 79 -18.56 -8.25 -14.29
CA MET C 79 -18.14 -8.20 -15.69
C MET C 79 -17.82 -9.60 -16.23
N LEU C 80 -17.02 -10.37 -15.49
CA LEU C 80 -16.63 -11.72 -15.91
C LEU C 80 -17.75 -12.74 -15.78
N ARG C 81 -18.78 -12.46 -14.97
CA ARG C 81 -19.92 -13.35 -14.92
C ARG C 81 -20.71 -13.22 -16.19
N LYS C 82 -21.00 -11.97 -16.57
CA LYS C 82 -21.70 -11.66 -17.81
C LYS C 82 -21.00 -12.34 -18.98
N ASP C 83 -19.76 -12.82 -18.74
CA ASP C 83 -18.89 -13.43 -19.74
C ASP C 83 -18.84 -14.95 -19.72
N GLY C 84 -19.31 -15.59 -18.64
CA GLY C 84 -19.23 -17.03 -18.52
C GLY C 84 -18.16 -17.51 -17.54
N LYS C 85 -16.99 -16.89 -17.57
CA LYS C 85 -15.92 -17.26 -16.64
C LYS C 85 -16.28 -16.84 -15.21
N ASP C 86 -15.82 -17.62 -14.25
CA ASP C 86 -16.19 -17.42 -12.84
C ASP C 86 -14.96 -17.08 -12.02
N PRO C 87 -14.69 -15.79 -11.76
CA PRO C 87 -13.65 -15.05 -11.02
C PRO C 87 -12.89 -15.88 -9.97
N LYS D 17 12.30 -1.67 -9.32
CA LYS D 17 11.64 -1.26 -8.08
C LYS D 17 12.29 -1.89 -6.85
N ARG D 18 11.97 -1.30 -5.68
CA ARG D 18 12.52 -1.63 -4.36
C ARG D 18 13.99 -2.06 -4.35
N ARG D 19 14.82 -1.33 -5.11
CA ARG D 19 16.24 -1.66 -5.35
C ARG D 19 17.14 -0.70 -4.59
N ARG D 20 17.11 -0.77 -3.27
CA ARG D 20 17.83 0.18 -2.42
C ARG D 20 19.35 -0.07 -2.48
N ARG D 21 20.08 0.69 -1.65
CA ARG D 21 21.47 0.41 -1.30
C ARG D 21 21.65 0.79 0.16
N GLY D 22 21.86 -0.20 1.02
CA GLY D 22 22.13 0.03 2.43
C GLY D 22 20.98 -0.37 3.33
N ASN D 23 21.30 -0.46 4.62
CA ASN D 23 20.38 -0.82 5.67
C ASN D 23 20.17 0.38 6.57
N LEU D 24 19.13 0.32 7.41
CA LEU D 24 18.81 1.50 8.18
C LEU D 24 19.85 1.64 9.27
N PRO D 25 20.14 2.87 9.69
CA PRO D 25 21.15 3.08 10.74
C PRO D 25 20.89 2.23 11.98
N LYS D 26 21.97 1.76 12.60
CA LYS D 26 21.85 0.86 13.74
C LYS D 26 21.13 1.53 14.89
N GLU D 27 21.39 2.84 15.09
CA GLU D 27 20.71 3.59 16.15
C GLU D 27 19.24 3.78 15.82
N SER D 28 18.90 4.00 14.55
CA SER D 28 17.48 4.11 14.20
C SER D 28 16.75 2.83 14.53
N VAL D 29 17.37 1.69 14.23
CA VAL D 29 16.72 0.41 14.44
C VAL D 29 16.69 0.05 15.92
N GLN D 30 17.70 0.49 16.69
CA GLN D 30 17.69 0.20 18.11
C GLN D 30 16.48 0.88 18.77
N ILE D 31 16.16 2.07 18.31
CA ILE D 31 14.99 2.77 18.82
C ILE D 31 13.73 2.00 18.47
N LEU D 32 13.58 1.63 17.20
CA LEU D 32 12.38 0.90 16.77
C LEU D 32 12.24 -0.42 17.54
N ARG D 33 13.34 -1.12 17.68
CA ARG D 33 13.35 -2.39 18.40
C ARG D 33 13.00 -2.17 19.88
N ASP D 34 13.54 -1.13 20.51
CA ASP D 34 13.19 -0.88 21.90
C ASP D 34 11.70 -0.63 22.03
N TRP D 35 11.15 0.20 21.13
CA TRP D 35 9.74 0.53 21.22
C TRP D 35 8.90 -0.72 21.00
N LEU D 36 9.31 -1.55 20.04
CA LEU D 36 8.58 -2.76 19.73
C LEU D 36 8.59 -3.70 20.93
N TYR D 37 9.74 -3.80 21.59
CA TYR D 37 9.83 -4.64 22.76
C TYR D 37 8.94 -4.11 23.88
N GLU D 38 9.06 -2.82 24.20
CA GLU D 38 8.23 -2.26 25.24
C GLU D 38 6.74 -2.39 24.95
N HIS D 39 6.34 -2.29 23.68
CA HIS D 39 4.93 -2.37 23.34
C HIS D 39 4.59 -3.71 22.68
N ARG D 40 5.37 -4.75 22.99
CA ARG D 40 5.23 -6.04 22.34
C ARG D 40 3.83 -6.66 22.45
N TYR D 41 2.99 -6.23 23.39
CA TYR D 41 1.64 -6.77 23.48
C TYR D 41 0.61 -5.94 22.74
N ASN D 42 1.03 -4.80 22.20
CA ASN D 42 0.20 -4.04 21.29
C ASN D 42 1.17 -3.28 20.38
N ALA D 43 1.75 -4.01 19.43
CA ALA D 43 2.88 -3.52 18.64
C ALA D 43 2.41 -2.65 17.48
N TYR D 44 1.52 -1.71 17.77
CA TYR D 44 0.94 -0.83 16.77
C TYR D 44 1.03 0.62 17.24
N PRO D 45 2.06 1.35 16.82
CA PRO D 45 2.17 2.73 17.29
C PRO D 45 1.06 3.58 16.69
N SER D 46 0.53 4.49 17.48
CA SER D 46 -0.44 5.42 16.97
C SER D 46 0.23 6.39 16.02
N GLU D 47 -0.61 7.10 15.27
CA GLU D 47 -0.11 8.12 14.36
C GLU D 47 0.78 9.08 15.12
N GLN D 48 0.43 9.37 16.36
CA GLN D 48 1.26 10.29 17.13
C GLN D 48 2.56 9.63 17.53
N GLU D 49 2.53 8.33 17.82
CA GLU D 49 3.77 7.63 18.10
C GLU D 49 4.62 7.45 16.83
N LYS D 50 4.01 7.05 15.71
CA LYS D 50 4.77 6.97 14.48
C LYS D 50 5.50 8.28 14.20
N ALA D 51 4.87 9.41 14.50
CA ALA D 51 5.52 10.69 14.21
C ALA D 51 6.72 10.91 15.10
N LEU D 52 6.59 10.58 16.39
CA LEU D 52 7.70 10.73 17.32
C LEU D 52 8.88 9.88 16.90
N LEU D 53 8.59 8.64 16.51
CA LEU D 53 9.64 7.68 16.17
C LEU D 53 10.39 8.14 14.92
N SER D 54 9.63 8.56 13.93
CA SER D 54 10.20 9.12 12.73
C SER D 54 11.15 10.26 13.06
N GLN D 55 10.74 11.16 13.96
CA GLN D 55 11.63 12.27 14.31
C GLN D 55 12.88 11.73 14.99
N GLN D 56 12.72 10.71 15.84
CA GLN D 56 13.83 10.13 16.60
C GLN D 56 14.77 9.34 15.70
N THR D 57 14.22 8.57 14.78
CA THR D 57 15.01 7.71 13.95
C THR D 57 15.54 8.41 12.70
N HIS D 58 15.07 9.62 12.42
CA HIS D 58 15.35 10.31 11.17
C HIS D 58 14.92 9.51 9.96
N LEU D 59 13.89 8.71 10.12
CA LEU D 59 13.24 8.01 9.03
C LEU D 59 11.93 8.68 8.66
N SER D 60 11.53 8.47 7.42
CA SER D 60 10.20 8.91 7.04
C SER D 60 9.17 8.04 7.74
N THR D 61 7.94 8.56 7.76
CA THR D 61 6.80 7.79 8.26
C THR D 61 6.68 6.47 7.55
N LEU D 62 6.77 6.49 6.22
CA LEU D 62 6.58 5.27 5.46
C LEU D 62 7.66 4.26 5.83
N GLN D 63 8.89 4.73 6.00
CA GLN D 63 9.96 3.84 6.48
C GLN D 63 9.60 3.23 7.82
N VAL D 64 9.07 4.04 8.74
CA VAL D 64 8.67 3.50 10.04
C VAL D 64 7.58 2.44 9.87
N CYS D 65 6.53 2.76 9.12
CA CYS D 65 5.46 1.78 8.92
C CYS D 65 6.05 0.50 8.36
N ASN D 66 6.91 0.62 7.35
CA ASN D 66 7.41 -0.60 6.74
C ASN D 66 8.21 -1.40 7.75
N TRP D 67 9.00 -0.72 8.57
CA TRP D 67 9.77 -1.47 9.54
C TRP D 67 8.82 -2.25 10.43
N PHE D 68 7.68 -1.66 10.79
CA PHE D 68 6.82 -2.32 11.75
C PHE D 68 6.06 -3.47 11.11
N ILE D 69 5.64 -3.32 9.85
CA ILE D 69 5.03 -4.45 9.15
C ILE D 69 6.03 -5.60 9.05
N ASN D 70 7.31 -5.30 8.79
CA ASN D 70 8.27 -6.39 8.73
C ASN D 70 8.56 -6.92 10.12
N ALA D 71 8.69 -6.02 11.10
CA ALA D 71 9.18 -6.45 12.41
C ALA D 71 8.13 -7.30 13.11
N ARG D 72 6.86 -7.00 12.91
CA ARG D 72 5.81 -7.84 13.52
C ARG D 72 5.85 -9.26 12.99
N ARG D 73 6.32 -9.47 11.75
CA ARG D 73 6.51 -10.82 11.23
C ARG D 73 7.86 -11.43 11.62
N ARG D 74 8.92 -10.61 11.69
CA ARG D 74 10.26 -11.14 11.79
C ARG D 74 10.82 -11.05 13.19
N LEU D 75 10.37 -10.11 14.01
CA LEU D 75 10.92 -9.93 15.35
C LEU D 75 9.97 -10.23 16.47
N LEU D 76 8.71 -9.86 16.30
CA LEU D 76 7.77 -9.91 17.42
C LEU D 76 7.56 -11.33 17.92
N PRO D 77 7.27 -12.33 17.07
CA PRO D 77 6.99 -13.69 17.58
C PRO D 77 8.09 -14.19 18.51
N ASP D 78 9.35 -14.27 18.03
CA ASP D 78 10.47 -14.64 18.91
C ASP D 78 10.47 -13.83 20.20
N MET D 79 10.03 -12.57 20.15
CA MET D 79 9.98 -11.76 21.37
C MET D 79 8.93 -12.29 22.32
N LEU D 80 7.75 -12.64 21.79
CA LEU D 80 6.64 -13.14 22.59
C LEU D 80 6.89 -14.53 23.17
N ARG D 81 8.05 -15.14 22.86
CA ARG D 81 8.56 -16.33 23.56
C ARG D 81 9.06 -15.90 24.95
N LYS D 82 8.11 -15.70 25.86
CA LYS D 82 8.39 -15.27 27.24
C LYS D 82 7.30 -15.78 28.21
CA CA E . -0.08 -1.04 0.99
#